data_3PO4
#
_entry.id   3PO4
#
_cell.length_a   113.525
_cell.length_b   113.525
_cell.length_c   91.238
_cell.angle_alpha   90.00
_cell.angle_beta   90.00
_cell.angle_gamma   120.00
#
_symmetry.space_group_name_H-M   'P 31 2 1'
#
loop_
_entity.id
_entity.type
_entity.pdbx_description
1 polymer 'DNA polymerase I'
2 polymer "DNA (5'-D(*GP*AP*CP*CP*AP*CP*GP*GP*CP*GP*CP*(2DA))-3')"
3 polymer "DNA (5'-D(*TP*GP*CP*GP*CP*CP*GP*TP*GP*GP*TP*C)-3')"
4 non-polymer 'MAGNESIUM ION'
5 non-polymer 'SODIUM ION'
6 non-polymer GLYCEROL
7 non-polymer "2',3'-dideoxyadenosine triphosphate"
8 water water
#
loop_
_entity_poly.entity_id
_entity_poly.type
_entity_poly.pdbx_seq_one_letter_code
_entity_poly.pdbx_strand_id
1 'polypeptide(L)'
;ALEEAPWPPPEGAFVGFVLSRKEPMWADLLALAAARGGRVHRAPEPYKALRDLKEARGLLAKDLSVLALREGLGLPPGDD
PMLLAYLLDPSNTTPEGVARRYGGEWTEEAGERAALSERLFANLWGRLEGEERLLWLYREVERPLSAVLAHMEATGVRLD
VAYLRALSLEVAEEIARLEAEVFRLAGHPFNLNSRDQLERVLFDELGLPAIGKTEKTGKRSTSAAVLEALREAHPIVEKI
LQYRELTKLKSTYIDPLPDLIHPRTGRLHTRFNQTATATGRLSSSDPNLQNIPVRTPLGQRIRRAFIAEEGWLLVALDYS
QKELRVLAHLSGDENLIRVFQEGRDIHTETASWMFGVPREAVDPLMRRAAKTINFGVLYGMSAHRLSQELAIPYEEAQAF
IERYFQSFPKVRAWIEKTLEEGRRRGYVETLFGRRRYVPDLEARVKSVREAAERKAFNMPVQGTAADLMKLAMVKLFPRL
EEMGARMLLQVHDELVLEAPKERAEAVARLAKEVMEGVYPLAVPLEVEVGIGEDWLSAKE
;
A
2 'polydeoxyribonucleotide' (DG)(DA)(DC)(DC)(DA)(DC)(DG)(DG)(DC)(DG)(DC)(2DA) B
3 'polydeoxyribonucleotide' (DT)(DG)(DC)(DG)(DC)(DC)(DG)(DT)(DG)(DG)(DT)(DC) C
#
loop_
_chem_comp.id
_chem_comp.type
_chem_comp.name
_chem_comp.formula
2DA DNA linking 2',3'-DIDEOXYADENOSINE-5'-MONOPHOSPHATE 'C10 H14 N5 O5 P'
DA DNA linking 2'-DEOXYADENOSINE-5'-MONOPHOSPHATE 'C10 H14 N5 O6 P'
DC DNA linking 2'-DEOXYCYTIDINE-5'-MONOPHOSPHATE 'C9 H14 N3 O7 P'
DDS non-polymer '2',3'-dideoxyadenosine triphosphate' 'C10 H16 N5 O11 P3'
DG DNA linking 2'-DEOXYGUANOSINE-5'-MONOPHOSPHATE 'C10 H14 N5 O7 P'
DT DNA linking THYMIDINE-5'-MONOPHOSPHATE 'C10 H15 N2 O8 P'
GOL non-polymer GLYCEROL 'C3 H8 O3'
MG non-polymer 'MAGNESIUM ION' 'Mg 2'
NA non-polymer 'SODIUM ION' 'Na 1'
#
# COMPACT_ATOMS: atom_id res chain seq x y z
N GLU A 3 -1.44 25.76 -33.97
CA GLU A 3 -2.43 25.07 -33.15
C GLU A 3 -2.87 23.76 -33.80
N GLU A 4 -4.11 23.72 -34.25
CA GLU A 4 -4.72 22.47 -34.72
C GLU A 4 -4.03 21.86 -35.95
N ALA A 5 -4.16 20.55 -36.07
CA ALA A 5 -3.62 19.79 -37.19
C ALA A 5 -4.34 18.45 -37.25
N PRO A 6 -4.37 17.82 -38.43
CA PRO A 6 -5.16 16.61 -38.62
C PRO A 6 -4.61 15.39 -37.89
N TRP A 7 -5.51 14.56 -37.35
CA TRP A 7 -5.12 13.24 -36.89
C TRP A 7 -4.60 12.48 -38.11
N PRO A 8 -3.56 11.65 -37.94
CA PRO A 8 -2.86 11.30 -36.71
C PRO A 8 -1.72 12.25 -36.36
N PRO A 9 -1.28 12.24 -35.10
CA PRO A 9 -0.17 13.06 -34.62
C PRO A 9 1.17 12.50 -35.05
N PRO A 10 2.23 13.32 -35.00
CA PRO A 10 3.58 12.83 -35.29
C PRO A 10 4.13 11.94 -34.18
N GLU A 11 5.29 11.33 -34.42
CA GLU A 11 5.91 10.44 -33.45
C GLU A 11 6.44 11.21 -32.24
N GLY A 12 6.22 10.67 -31.05
CA GLY A 12 6.68 11.29 -29.83
C GLY A 12 5.73 12.35 -29.29
N ALA A 13 4.57 12.50 -29.93
CA ALA A 13 3.59 13.47 -29.46
C ALA A 13 3.08 13.06 -28.07
N PHE A 14 2.58 14.04 -27.33
CA PHE A 14 1.99 13.81 -26.01
C PHE A 14 0.49 13.59 -26.13
N VAL A 15 -0.04 12.64 -25.36
CA VAL A 15 -1.43 12.25 -25.51
C VAL A 15 -2.30 12.95 -24.48
N GLY A 16 -3.57 13.13 -24.81
CA GLY A 16 -4.55 13.60 -23.86
C GLY A 16 -5.79 12.78 -24.11
N PHE A 17 -6.55 12.49 -23.06
CA PHE A 17 -7.69 11.63 -23.20
C PHE A 17 -8.69 11.90 -22.08
N VAL A 18 -9.96 11.61 -22.35
CA VAL A 18 -11.01 11.76 -21.37
C VAL A 18 -11.74 10.43 -21.22
N LEU A 19 -11.83 9.96 -19.99
CA LEU A 19 -12.56 8.73 -19.66
C LEU A 19 -13.93 9.10 -19.08
N SER A 20 -14.90 8.19 -19.20
CA SER A 20 -16.24 8.42 -18.66
C SER A 20 -16.27 8.26 -17.15
N ARG A 21 -15.27 7.56 -16.62
CA ARG A 21 -15.11 7.35 -15.18
C ARG A 21 -13.64 7.09 -14.90
N LYS A 22 -13.24 7.19 -13.64
CA LYS A 22 -11.81 7.17 -13.30
C LYS A 22 -11.14 5.82 -13.53
N GLU A 23 -11.88 4.71 -13.43
CA GLU A 23 -11.29 3.37 -13.56
C GLU A 23 -11.10 2.97 -15.04
N PRO A 24 -9.85 2.85 -15.48
CA PRO A 24 -9.65 2.62 -16.92
C PRO A 24 -10.20 1.28 -17.41
N MET A 25 -10.30 0.28 -16.54
CA MET A 25 -10.85 -1.02 -16.96
C MET A 25 -12.35 -0.92 -17.21
N TRP A 26 -12.99 0.08 -16.61
CA TRP A 26 -14.43 0.25 -16.70
C TRP A 26 -14.87 1.42 -17.59
N ALA A 27 -13.91 2.22 -18.02
CA ALA A 27 -14.22 3.50 -18.69
C ALA A 27 -14.51 3.39 -20.18
N ASP A 28 -15.45 4.21 -20.62
CA ASP A 28 -15.65 4.46 -22.03
C ASP A 28 -14.67 5.58 -22.39
N LEU A 29 -13.89 5.37 -23.44
CA LEU A 29 -12.96 6.37 -23.90
C LEU A 29 -13.71 7.45 -24.68
N LEU A 30 -13.95 8.58 -24.05
CA LEU A 30 -14.77 9.63 -24.65
C LEU A 30 -14.05 10.47 -25.69
N ALA A 31 -12.76 10.70 -25.50
CA ALA A 31 -12.02 11.54 -26.41
C ALA A 31 -10.52 11.29 -26.32
N LEU A 32 -9.85 11.48 -27.44
CA LEU A 32 -8.42 11.23 -27.57
C LEU A 32 -7.82 12.34 -28.42
N ALA A 33 -6.71 12.90 -27.97
CA ALA A 33 -6.02 13.94 -28.72
C ALA A 33 -4.52 13.78 -28.51
N ALA A 34 -3.71 14.53 -29.25
CA ALA A 34 -2.27 14.49 -29.07
C ALA A 34 -1.72 15.87 -29.36
N ALA A 35 -0.52 16.16 -28.87
CA ALA A 35 0.08 17.47 -29.03
C ALA A 35 1.58 17.36 -29.27
N ARG A 36 2.10 18.19 -30.16
CA ARG A 36 3.54 18.28 -30.33
C ARG A 36 3.87 19.63 -30.92
N GLY A 37 4.80 20.34 -30.31
CA GLY A 37 5.12 21.69 -30.71
C GLY A 37 3.95 22.62 -30.45
N GLY A 38 3.10 22.25 -29.50
CA GLY A 38 1.95 23.07 -29.16
C GLY A 38 0.80 22.89 -30.13
N ARG A 39 1.03 22.12 -31.20
CA ARG A 39 0.00 21.85 -32.19
C ARG A 39 -0.80 20.63 -31.79
N VAL A 40 -2.12 20.74 -31.79
CA VAL A 40 -2.97 19.68 -31.26
C VAL A 40 -3.75 18.97 -32.37
N HIS A 41 -3.73 17.64 -32.30
CA HIS A 41 -4.49 16.77 -33.20
C HIS A 41 -5.61 16.11 -32.41
N ARG A 42 -6.85 16.20 -32.89
CA ARG A 42 -7.96 15.58 -32.20
C ARG A 42 -8.53 14.43 -33.01
N ALA A 43 -8.70 13.27 -32.36
CA ALA A 43 -9.17 12.07 -33.02
C ALA A 43 -10.65 12.17 -33.32
N PRO A 44 -11.05 11.90 -34.57
CA PRO A 44 -12.48 11.96 -34.91
C PRO A 44 -13.24 10.89 -34.12
N GLU A 45 -12.65 9.70 -34.03
CA GLU A 45 -13.22 8.61 -33.24
C GLU A 45 -12.11 7.99 -32.39
N PRO A 46 -12.22 8.11 -31.07
CA PRO A 46 -11.12 7.74 -30.17
C PRO A 46 -10.66 6.28 -30.21
N TYR A 47 -11.59 5.32 -30.21
CA TYR A 47 -11.19 3.91 -30.16
C TYR A 47 -10.36 3.52 -31.38
N LYS A 48 -10.79 3.96 -32.56
CA LYS A 48 -10.05 3.68 -33.78
C LYS A 48 -8.68 4.37 -33.72
N ALA A 49 -8.67 5.61 -33.26
CA ALA A 49 -7.47 6.45 -33.24
C ALA A 49 -6.42 5.86 -32.32
N LEU A 50 -6.88 5.07 -31.36
CA LEU A 50 -6.03 4.46 -30.36
C LEU A 50 -5.01 3.54 -31.05
N ARG A 51 -5.41 2.95 -32.16
CA ARG A 51 -4.53 2.05 -32.90
C ARG A 51 -3.36 2.78 -33.55
N ASP A 52 -3.51 4.09 -33.75
CA ASP A 52 -2.49 4.90 -34.41
C ASP A 52 -1.31 5.28 -33.52
N LEU A 53 -1.48 5.13 -32.21
CA LEU A 53 -0.43 5.49 -31.26
C LEU A 53 0.55 4.35 -31.00
N LYS A 54 1.83 4.70 -30.89
CA LYS A 54 2.86 3.71 -30.61
C LYS A 54 3.11 3.60 -29.11
N GLU A 55 2.82 4.67 -28.39
CA GLU A 55 3.14 4.75 -26.97
C GLU A 55 2.21 5.77 -26.34
N ALA A 56 1.88 5.58 -25.06
CA ALA A 56 1.10 6.55 -24.33
C ALA A 56 2.05 7.42 -23.54
N ARG A 57 2.14 8.68 -23.94
CA ARG A 57 3.10 9.60 -23.38
C ARG A 57 2.38 10.87 -22.94
N GLY A 58 2.23 11.07 -21.63
CA GLY A 58 1.49 12.23 -21.14
C GLY A 58 0.97 12.03 -19.72
N LEU A 59 0.16 12.97 -19.25
CA LEU A 59 -0.42 12.86 -17.91
C LEU A 59 -1.26 11.60 -17.84
N LEU A 60 -1.06 10.81 -16.79
CA LEU A 60 -1.82 9.60 -16.53
C LEU A 60 -1.67 8.57 -17.66
N ALA A 61 -0.46 8.49 -18.21
CA ALA A 61 -0.20 7.58 -19.32
C ALA A 61 -0.62 6.15 -18.98
N LYS A 62 -0.39 5.73 -17.74
CA LYS A 62 -0.68 4.35 -17.37
C LYS A 62 -2.16 4.03 -17.53
N ASP A 63 -3.03 4.96 -17.17
CA ASP A 63 -4.46 4.71 -17.27
C ASP A 63 -4.87 4.47 -18.73
N LEU A 64 -4.35 5.26 -19.66
CA LEU A 64 -4.65 5.05 -21.08
C LEU A 64 -4.13 3.69 -21.52
N SER A 65 -2.93 3.33 -21.08
CA SER A 65 -2.32 2.05 -21.45
CA SER A 65 -2.32 2.05 -21.45
C SER A 65 -3.17 0.89 -20.98
N VAL A 66 -3.73 1.00 -19.78
CA VAL A 66 -4.56 -0.06 -19.23
C VAL A 66 -5.80 -0.22 -20.11
N LEU A 67 -6.42 0.90 -20.48
CA LEU A 67 -7.59 0.83 -21.35
C LEU A 67 -7.23 0.22 -22.71
N ALA A 68 -6.07 0.59 -23.24
CA ALA A 68 -5.57 -0.01 -24.49
C ALA A 68 -5.39 -1.53 -24.39
N LEU A 69 -4.73 -1.98 -23.32
CA LEU A 69 -4.55 -3.41 -23.10
C LEU A 69 -5.89 -4.12 -23.01
N ARG A 70 -6.86 -3.45 -22.40
CA ARG A 70 -8.21 -4.01 -22.29
C ARG A 70 -8.77 -4.27 -23.68
N GLU A 71 -8.46 -3.37 -24.60
CA GLU A 71 -8.96 -3.43 -25.97
C GLU A 71 -8.11 -4.31 -26.88
N GLY A 72 -7.12 -4.97 -26.28
CA GLY A 72 -6.25 -5.88 -27.03
C GLY A 72 -5.08 -5.21 -27.71
N LEU A 73 -4.78 -3.96 -27.34
CA LEU A 73 -3.73 -3.19 -27.98
C LEU A 73 -2.50 -3.05 -27.08
N GLY A 74 -1.32 -3.22 -27.66
CA GLY A 74 -0.09 -3.12 -26.91
C GLY A 74 0.47 -1.71 -26.96
N LEU A 75 -0.08 -0.84 -26.11
CA LEU A 75 0.33 0.55 -26.05
C LEU A 75 0.99 0.84 -24.71
N PRO A 76 2.34 0.79 -24.65
CA PRO A 76 3.03 0.95 -23.37
C PRO A 76 3.07 2.41 -22.90
N PRO A 77 2.98 2.63 -21.59
CA PRO A 77 3.08 4.02 -21.12
C PRO A 77 4.55 4.43 -21.10
N GLY A 78 4.82 5.69 -21.43
CA GLY A 78 6.18 6.22 -21.46
C GLY A 78 6.27 7.40 -20.52
N ASP A 79 6.78 8.53 -20.98
CA ASP A 79 6.92 9.68 -20.09
C ASP A 79 5.57 10.11 -19.55
N ASP A 80 5.56 10.52 -18.28
CA ASP A 80 4.36 11.05 -17.65
C ASP A 80 4.81 12.13 -16.69
N PRO A 81 4.39 13.38 -16.93
CA PRO A 81 4.80 14.48 -16.04
C PRO A 81 4.38 14.25 -14.59
N MET A 82 3.31 13.50 -14.37
CA MET A 82 2.90 13.19 -12.97
C MET A 82 4.04 12.52 -12.22
N LEU A 83 4.77 11.63 -12.89
CA LEU A 83 5.87 10.90 -12.25
C LEU A 83 7.05 11.84 -11.95
N LEU A 84 7.33 12.76 -12.87
CA LEU A 84 8.38 13.76 -12.63
C LEU A 84 7.98 14.61 -11.41
N ALA A 85 6.74 15.04 -11.38
CA ALA A 85 6.30 15.94 -10.28
C ALA A 85 6.33 15.20 -8.94
N TYR A 86 5.91 13.95 -8.95
CA TYR A 86 5.85 13.14 -7.73
C TYR A 86 7.26 12.93 -7.15
N LEU A 87 8.25 12.81 -8.03
CA LEU A 87 9.63 12.69 -7.58
C LEU A 87 10.19 14.01 -7.04
N LEU A 88 9.79 15.11 -7.65
CA LEU A 88 10.22 16.44 -7.17
C LEU A 88 9.67 16.67 -5.75
N ASP A 89 8.46 16.18 -5.51
CA ASP A 89 7.79 16.40 -4.22
C ASP A 89 6.56 15.51 -4.18
N PRO A 90 6.55 14.49 -3.29
CA PRO A 90 5.46 13.50 -3.35
C PRO A 90 4.10 14.05 -2.93
N SER A 91 4.06 15.31 -2.50
CA SER A 91 2.77 15.99 -2.28
C SER A 91 2.08 16.28 -3.62
N ASN A 92 2.84 16.16 -4.73
CA ASN A 92 2.26 16.25 -6.06
C ASN A 92 1.57 14.95 -6.44
N THR A 93 0.25 14.86 -6.21
CA THR A 93 -0.45 13.57 -6.39
C THR A 93 -1.51 13.58 -7.49
N THR A 94 -1.97 14.75 -7.93
CA THR A 94 -2.99 14.80 -8.97
C THR A 94 -2.66 15.79 -10.10
N PRO A 95 -3.19 15.55 -11.31
CA PRO A 95 -2.97 16.49 -12.42
C PRO A 95 -3.49 17.88 -12.08
N GLU A 96 -4.64 17.94 -11.42
CA GLU A 96 -5.19 19.22 -10.97
C GLU A 96 -4.19 19.96 -10.10
N GLY A 97 -3.63 19.25 -9.13
CA GLY A 97 -2.70 19.84 -8.18
C GLY A 97 -1.40 20.25 -8.83
N VAL A 98 -0.94 19.44 -9.79
CA VAL A 98 0.33 19.72 -10.46
C VAL A 98 0.19 20.94 -11.35
N ALA A 99 -0.91 21.06 -12.09
CA ALA A 99 -1.13 22.23 -12.92
C ALA A 99 -1.27 23.48 -12.06
N ARG A 100 -1.98 23.35 -10.94
CA ARG A 100 -2.15 24.49 -10.06
C ARG A 100 -0.80 25.00 -9.56
N ARG A 101 0.08 24.07 -9.20
CA ARG A 101 1.39 24.44 -8.64
C ARG A 101 2.37 24.96 -9.70
N TYR A 102 2.45 24.28 -10.84
CA TYR A 102 3.52 24.55 -11.82
C TYR A 102 3.08 25.38 -13.04
N GLY A 103 1.78 25.38 -13.33
CA GLY A 103 1.25 26.21 -14.40
C GLY A 103 0.23 25.49 -15.26
N GLY A 104 -0.77 26.23 -15.72
CA GLY A 104 -1.77 25.66 -16.60
C GLY A 104 -3.00 25.21 -15.82
N GLU A 105 -3.94 24.60 -16.54
CA GLU A 105 -5.21 24.21 -15.95
C GLU A 105 -5.58 22.82 -16.47
N TRP A 106 -5.96 21.94 -15.54
CA TRP A 106 -6.44 20.62 -15.88
C TRP A 106 -7.92 20.74 -16.17
N THR A 107 -8.26 20.60 -17.45
CA THR A 107 -9.64 20.76 -17.90
C THR A 107 -10.23 19.39 -18.23
N GLU A 108 -11.39 19.38 -18.86
CA GLU A 108 -12.05 18.12 -19.20
C GLU A 108 -12.08 17.90 -20.71
N GLU A 109 -11.10 18.47 -21.42
CA GLU A 109 -11.05 18.38 -22.89
C GLU A 109 -9.71 17.76 -23.30
N ALA A 110 -9.78 16.69 -24.09
CA ALA A 110 -8.60 15.89 -24.42
C ALA A 110 -7.50 16.68 -25.12
N GLY A 111 -7.87 17.59 -26.00
CA GLY A 111 -6.89 18.39 -26.70
C GLY A 111 -6.08 19.27 -25.75
N GLU A 112 -6.79 19.93 -24.84
CA GLU A 112 -6.14 20.77 -23.82
C GLU A 112 -5.29 19.94 -22.87
N ARG A 113 -5.75 18.75 -22.53
CA ARG A 113 -4.98 17.84 -21.67
C ARG A 113 -3.69 17.40 -22.35
N ALA A 114 -3.73 17.26 -23.66
CA ALA A 114 -2.54 16.84 -24.41
C ALA A 114 -1.53 17.98 -24.47
N ALA A 115 -2.03 19.19 -24.73
CA ALA A 115 -1.17 20.36 -24.76
C ALA A 115 -0.58 20.61 -23.39
N LEU A 116 -1.37 20.38 -22.35
CA LEU A 116 -0.91 20.57 -20.99
C LEU A 116 0.16 19.54 -20.63
N SER A 117 -0.04 18.30 -21.05
CA SER A 117 0.96 17.25 -20.82
C SER A 117 2.29 17.67 -21.41
N GLU A 118 2.28 18.19 -22.63
CA GLU A 118 3.52 18.57 -23.27
C GLU A 118 4.21 19.69 -22.49
N ARG A 119 3.44 20.71 -22.12
CA ARG A 119 4.00 21.86 -21.41
C ARG A 119 4.56 21.48 -20.04
N LEU A 120 3.80 20.67 -19.29
CA LEU A 120 4.26 20.28 -17.96
C LEU A 120 5.48 19.37 -18.07
N PHE A 121 5.56 18.55 -19.10
CA PHE A 121 6.74 17.68 -19.21
C PHE A 121 8.00 18.55 -19.36
N ALA A 122 7.99 19.48 -20.32
CA ALA A 122 9.12 20.39 -20.51
C ALA A 122 9.46 21.15 -19.22
N ASN A 123 8.43 21.68 -18.57
CA ASN A 123 8.61 22.40 -17.30
C ASN A 123 9.32 21.54 -16.25
N LEU A 124 8.76 20.36 -15.99
CA LEU A 124 9.24 19.52 -14.88
C LEU A 124 10.55 18.80 -15.20
N TRP A 125 10.74 18.47 -16.48
CA TRP A 125 12.00 17.85 -16.92
C TRP A 125 13.15 18.82 -16.67
N GLY A 126 12.91 20.09 -17.00
CA GLY A 126 13.90 21.13 -16.73
C GLY A 126 14.21 21.26 -15.25
N ARG A 127 13.20 21.13 -14.41
CA ARG A 127 13.40 21.29 -12.97
C ARG A 127 14.24 20.16 -12.40
N LEU A 128 14.18 19.01 -13.06
CA LEU A 128 14.96 17.86 -12.65
C LEU A 128 16.36 17.87 -13.26
N GLU A 129 16.66 18.90 -14.04
CA GLU A 129 18.00 19.05 -14.59
C GLU A 129 18.99 19.13 -13.43
N GLY A 130 19.95 18.22 -13.40
CA GLY A 130 20.94 18.22 -12.35
C GLY A 130 20.56 17.41 -11.12
N GLU A 131 19.29 17.04 -11.00
CA GLU A 131 18.86 16.19 -9.89
C GLU A 131 19.13 14.74 -10.30
N GLU A 132 20.39 14.34 -10.27
CA GLU A 132 20.78 13.04 -10.83
C GLU A 132 20.13 11.84 -10.15
N ARG A 133 19.94 11.91 -8.84
CA ARG A 133 19.39 10.75 -8.15
C ARG A 133 17.89 10.63 -8.38
N LEU A 134 17.18 11.76 -8.48
CA LEU A 134 15.76 11.73 -8.83
C LEU A 134 15.60 11.29 -10.29
N LEU A 135 16.55 11.68 -11.13
CA LEU A 135 16.49 11.30 -12.53
C LEU A 135 16.69 9.79 -12.66
N TRP A 136 17.61 9.24 -11.88
CA TRP A 136 17.82 7.79 -11.87
C TRP A 136 16.53 7.09 -11.44
N LEU A 137 15.88 7.60 -10.40
CA LEU A 137 14.65 6.99 -9.95
C LEU A 137 13.61 7.00 -11.06
N TYR A 138 13.56 8.08 -11.81
CA TYR A 138 12.57 8.20 -12.87
C TYR A 138 12.86 7.17 -13.95
N ARG A 139 14.10 7.17 -14.44
CA ARG A 139 14.47 6.34 -15.58
C ARG A 139 14.53 4.86 -15.23
N GLU A 140 14.98 4.54 -14.03
CA GLU A 140 15.26 3.15 -13.65
C GLU A 140 14.16 2.51 -12.81
N VAL A 141 13.34 3.32 -12.16
CA VAL A 141 12.25 2.77 -11.34
C VAL A 141 10.88 3.21 -11.84
N GLU A 142 10.53 4.50 -11.74
CA GLU A 142 9.13 4.89 -11.93
C GLU A 142 8.62 4.71 -13.38
N ARG A 143 9.38 5.16 -14.36
CA ARG A 143 8.89 5.12 -15.74
C ARG A 143 8.69 3.66 -16.18
N PRO A 144 9.69 2.79 -15.96
CA PRO A 144 9.47 1.39 -16.34
C PRO A 144 8.45 0.69 -15.45
N LEU A 145 8.33 1.15 -14.20
CA LEU A 145 7.36 0.53 -13.29
C LEU A 145 5.95 0.76 -13.84
N SER A 146 5.72 1.89 -14.49
CA SER A 146 4.36 2.22 -14.92
C SER A 146 3.83 1.20 -15.94
N ALA A 147 4.73 0.67 -16.78
CA ALA A 147 4.36 -0.35 -17.75
C ALA A 147 4.02 -1.66 -17.05
N VAL A 148 4.78 -1.98 -15.99
CA VAL A 148 4.52 -3.16 -15.19
C VAL A 148 3.13 -3.03 -14.55
N LEU A 149 2.85 -1.88 -13.93
CA LEU A 149 1.53 -1.67 -13.30
C LEU A 149 0.39 -1.75 -14.30
N ALA A 150 0.61 -1.26 -15.52
CA ALA A 150 -0.43 -1.30 -16.53
C ALA A 150 -0.79 -2.75 -16.82
N HIS A 151 0.22 -3.60 -16.93
CA HIS A 151 -0.04 -5.02 -17.19
C HIS A 151 -0.76 -5.67 -15.99
N MET A 152 -0.36 -5.30 -14.77
CA MET A 152 -1.01 -5.87 -13.59
C MET A 152 -2.48 -5.51 -13.55
N GLU A 153 -2.79 -4.25 -13.82
CA GLU A 153 -4.17 -3.77 -13.77
C GLU A 153 -5.03 -4.46 -14.84
N ALA A 154 -4.51 -4.57 -16.06
CA ALA A 154 -5.28 -5.11 -17.17
C ALA A 154 -5.50 -6.60 -17.00
N THR A 155 -4.56 -7.24 -16.30
CA THR A 155 -4.62 -8.68 -16.12
C THR A 155 -5.69 -9.05 -15.09
N GLY A 156 -5.72 -8.34 -13.97
CA GLY A 156 -6.68 -8.60 -12.91
C GLY A 156 -6.42 -9.91 -12.18
N VAL A 157 -7.32 -10.26 -11.26
CA VAL A 157 -7.16 -11.49 -10.48
C VAL A 157 -8.50 -12.21 -10.44
N ARG A 158 -8.46 -13.54 -10.52
CA ARG A 158 -9.69 -14.32 -10.52
C ARG A 158 -10.22 -14.44 -9.09
N LEU A 159 -11.54 -14.34 -8.96
CA LEU A 159 -12.22 -14.38 -7.68
C LEU A 159 -13.24 -15.53 -7.65
N ASP A 160 -13.29 -16.24 -6.52
CA ASP A 160 -14.23 -17.34 -6.33
C ASP A 160 -15.53 -16.77 -5.80
N VAL A 161 -16.37 -16.31 -6.71
CA VAL A 161 -17.60 -15.63 -6.35
C VAL A 161 -18.55 -16.54 -5.57
N ALA A 162 -18.69 -17.79 -6.02
CA ALA A 162 -19.59 -18.74 -5.38
C ALA A 162 -19.16 -18.95 -3.93
N TYR A 163 -17.85 -19.04 -3.72
CA TYR A 163 -17.31 -19.18 -2.37
C TYR A 163 -17.72 -17.99 -1.49
N LEU A 164 -17.56 -16.77 -2.00
CA LEU A 164 -17.90 -15.59 -1.22
C LEU A 164 -19.41 -15.48 -0.98
N ARG A 165 -20.21 -15.93 -1.93
CA ARG A 165 -21.66 -15.92 -1.77
C ARG A 165 -22.07 -16.84 -0.63
N ALA A 166 -21.43 -18.00 -0.57
CA ALA A 166 -21.73 -18.96 0.50
C ALA A 166 -21.25 -18.40 1.83
N LEU A 167 -20.06 -17.81 1.83
CA LEU A 167 -19.48 -17.25 3.06
C LEU A 167 -20.40 -16.16 3.60
N SER A 168 -20.95 -15.37 2.68
CA SER A 168 -21.82 -14.28 3.07
C SER A 168 -23.02 -14.78 3.90
N LEU A 169 -23.61 -15.89 3.50
CA LEU A 169 -24.79 -16.42 4.19
C LEU A 169 -24.37 -16.85 5.59
N GLU A 170 -23.19 -17.46 5.68
CA GLU A 170 -22.65 -17.96 6.94
C GLU A 170 -22.37 -16.84 7.93
N VAL A 171 -21.67 -15.80 7.47
CA VAL A 171 -21.32 -14.66 8.30
C VAL A 171 -22.59 -13.92 8.71
N ALA A 172 -23.54 -13.81 7.80
CA ALA A 172 -24.78 -13.10 8.12
C ALA A 172 -25.45 -13.77 9.32
N GLU A 173 -25.45 -15.11 9.35
CA GLU A 173 -26.08 -15.82 10.47
C GLU A 173 -25.39 -15.47 11.79
N GLU A 174 -24.07 -15.38 11.76
CA GLU A 174 -23.31 -15.08 12.97
C GLU A 174 -23.54 -13.63 13.40
N ILE A 175 -23.62 -12.73 12.43
CA ILE A 175 -23.85 -11.32 12.71
C ILE A 175 -25.19 -11.16 13.40
N ALA A 176 -26.19 -11.90 12.93
CA ALA A 176 -27.54 -11.78 13.46
C ALA A 176 -27.59 -12.31 14.89
N ARG A 177 -26.85 -13.39 15.15
CA ARG A 177 -26.80 -13.97 16.48
C ARG A 177 -26.20 -12.98 17.48
N LEU A 178 -25.06 -12.41 17.12
CA LEU A 178 -24.38 -11.46 18.00
C LEU A 178 -25.22 -10.20 18.23
N GLU A 179 -25.88 -9.73 17.18
CA GLU A 179 -26.74 -8.56 17.34
C GLU A 179 -27.85 -8.84 18.36
N ALA A 180 -28.44 -10.03 18.28
CA ALA A 180 -29.51 -10.37 19.20
C ALA A 180 -28.97 -10.42 20.64
N GLU A 181 -27.76 -10.94 20.83
CA GLU A 181 -27.18 -11.03 22.17
C GLU A 181 -26.91 -9.64 22.71
N VAL A 182 -26.37 -8.77 21.86
CA VAL A 182 -26.06 -7.40 22.24
C VAL A 182 -27.34 -6.65 22.62
N PHE A 183 -28.40 -6.84 21.85
CA PHE A 183 -29.69 -6.20 22.12
C PHE A 183 -30.26 -6.73 23.44
N ARG A 184 -30.02 -8.00 23.70
N ARG A 184 -30.01 -8.01 23.70
CA ARG A 184 -30.51 -8.63 24.92
CA ARG A 184 -30.49 -8.66 24.91
C ARG A 184 -29.82 -8.04 26.14
C ARG A 184 -29.81 -8.04 26.13
N LEU A 185 -28.50 -7.83 26.03
CA LEU A 185 -27.73 -7.28 27.15
C LEU A 185 -28.04 -5.80 27.36
N ALA A 186 -28.31 -5.09 26.27
CA ALA A 186 -28.64 -3.66 26.33
C ALA A 186 -30.08 -3.43 26.77
N GLY A 187 -30.92 -4.44 26.59
CA GLY A 187 -32.31 -4.36 27.00
C GLY A 187 -33.23 -3.73 25.97
N HIS A 188 -32.72 -3.47 24.77
CA HIS A 188 -33.51 -2.87 23.71
C HIS A 188 -32.71 -2.84 22.40
N PRO A 189 -33.40 -2.73 21.26
CA PRO A 189 -32.68 -2.66 19.98
C PRO A 189 -32.17 -1.25 19.69
N PHE A 190 -31.11 -1.17 18.89
CA PHE A 190 -30.63 0.11 18.35
C PHE A 190 -29.80 -0.19 17.13
N ASN A 191 -29.26 0.83 16.48
CA ASN A 191 -28.38 0.59 15.35
C ASN A 191 -26.96 0.35 15.85
N LEU A 192 -26.55 -0.90 15.86
CA LEU A 192 -25.25 -1.27 16.42
C LEU A 192 -24.13 -0.76 15.51
N ASN A 193 -24.46 -0.48 14.26
CA ASN A 193 -23.49 0.11 13.30
C ASN A 193 -23.33 1.61 13.46
N SER A 194 -24.14 2.23 14.33
CA SER A 194 -24.01 3.65 14.60
C SER A 194 -23.20 3.86 15.87
N ARG A 195 -21.98 4.39 15.73
CA ARG A 195 -21.13 4.62 16.90
C ARG A 195 -21.76 5.65 17.83
N ASP A 196 -22.55 6.58 17.28
CA ASP A 196 -23.25 7.54 18.13
C ASP A 196 -24.27 6.87 19.04
N GLN A 197 -25.06 5.95 18.49
CA GLN A 197 -26.04 5.23 19.31
C GLN A 197 -25.36 4.29 20.30
N LEU A 198 -24.27 3.67 19.90
CA LEU A 198 -23.53 2.77 20.77
C LEU A 198 -22.91 3.51 21.94
N GLU A 199 -22.38 4.70 21.69
CA GLU A 199 -21.77 5.53 22.73
C GLU A 199 -22.78 5.78 23.85
N ARG A 200 -23.99 6.15 23.48
CA ARG A 200 -25.03 6.39 24.48
C ARG A 200 -25.35 5.11 25.25
N VAL A 201 -25.50 4.00 24.54
CA VAL A 201 -25.81 2.74 25.21
C VAL A 201 -24.72 2.35 26.23
N LEU A 202 -23.45 2.43 25.82
CA LEU A 202 -22.37 1.95 26.69
C LEU A 202 -22.07 2.85 27.88
N PHE A 203 -22.07 4.16 27.65
CA PHE A 203 -21.53 5.11 28.62
C PHE A 203 -22.62 5.85 29.39
N ASP A 204 -23.80 5.98 28.80
CA ASP A 204 -24.93 6.63 29.47
C ASP A 204 -25.90 5.61 30.07
N GLU A 205 -26.33 4.63 29.28
CA GLU A 205 -27.29 3.65 29.79
C GLU A 205 -26.63 2.64 30.73
N LEU A 206 -25.55 2.01 30.28
CA LEU A 206 -24.88 1.00 31.09
C LEU A 206 -23.81 1.59 32.00
N GLY A 207 -23.48 2.86 31.77
CA GLY A 207 -22.57 3.58 32.64
C GLY A 207 -21.16 2.99 32.72
N LEU A 208 -20.68 2.42 31.63
CA LEU A 208 -19.30 1.99 31.58
C LEU A 208 -18.41 3.24 31.55
N PRO A 209 -17.18 3.13 32.06
CA PRO A 209 -16.29 4.29 32.10
C PRO A 209 -15.77 4.65 30.72
N ALA A 210 -15.83 5.93 30.36
CA ALA A 210 -15.41 6.40 29.03
C ALA A 210 -13.97 6.88 29.05
N ILE A 211 -13.10 6.12 28.41
CA ILE A 211 -11.67 6.37 28.43
C ILE A 211 -11.29 7.57 27.54
N GLY A 212 -11.27 7.33 26.23
CA GLY A 212 -10.77 8.34 25.30
C GLY A 212 -11.88 9.11 24.61
N LYS A 213 -11.48 10.23 24.00
CA LYS A 213 -12.39 11.07 23.22
C LYS A 213 -11.94 11.05 21.76
N THR A 214 -12.85 11.37 20.86
CA THR A 214 -12.55 11.35 19.43
C THR A 214 -11.95 12.69 19.05
N GLU A 215 -11.16 12.72 17.98
CA GLU A 215 -10.34 13.88 17.69
C GLU A 215 -11.10 15.17 17.37
N LYS A 216 -11.95 15.12 16.35
CA LYS A 216 -12.52 16.35 15.80
C LYS A 216 -13.69 16.89 16.61
N THR A 217 -14.50 16.00 17.16
CA THR A 217 -15.74 16.42 17.80
C THR A 217 -15.81 16.09 19.30
N GLY A 218 -14.81 15.37 19.82
CA GLY A 218 -14.73 15.12 21.25
C GLY A 218 -15.84 14.25 21.80
N LYS A 219 -16.33 13.32 20.99
CA LYS A 219 -17.28 12.32 21.50
C LYS A 219 -16.52 11.30 22.34
N ARG A 220 -17.21 10.53 23.17
CA ARG A 220 -16.55 9.41 23.84
C ARG A 220 -16.32 8.26 22.85
N SER A 221 -15.05 7.90 22.65
CA SER A 221 -14.71 6.91 21.64
C SER A 221 -15.25 5.52 21.96
N THR A 222 -15.59 4.79 20.90
CA THR A 222 -15.97 3.39 20.98
C THR A 222 -15.00 2.53 20.15
N SER A 223 -13.78 3.04 19.92
CA SER A 223 -12.83 2.34 19.06
C SER A 223 -12.47 0.99 19.68
N ALA A 224 -11.93 0.09 18.87
CA ALA A 224 -11.54 -1.23 19.37
C ALA A 224 -10.56 -1.11 20.55
N ALA A 225 -9.69 -0.10 20.50
CA ALA A 225 -8.67 0.09 21.54
C ALA A 225 -9.34 0.43 22.87
N VAL A 226 -10.40 1.21 22.79
CA VAL A 226 -11.16 1.59 23.99
C VAL A 226 -11.98 0.41 24.53
N LEU A 227 -12.62 -0.33 23.64
CA LEU A 227 -13.45 -1.46 24.04
C LEU A 227 -12.60 -2.59 24.58
N GLU A 228 -11.39 -2.72 24.06
CA GLU A 228 -10.51 -3.80 24.47
C GLU A 228 -10.29 -3.74 25.98
N ALA A 229 -10.06 -2.53 26.49
CA ALA A 229 -9.76 -2.34 27.90
C ALA A 229 -11.00 -2.50 28.77
N LEU A 230 -12.15 -2.64 28.14
CA LEU A 230 -13.42 -2.85 28.84
C LEU A 230 -13.93 -4.28 28.61
N ARG A 231 -13.06 -5.14 28.11
CA ARG A 231 -13.44 -6.48 27.66
C ARG A 231 -14.04 -7.34 28.78
N GLU A 232 -13.92 -6.87 30.01
CA GLU A 232 -14.48 -7.60 31.16
C GLU A 232 -15.36 -6.70 32.02
N ALA A 233 -15.32 -5.39 31.76
CA ALA A 233 -16.20 -4.45 32.45
C ALA A 233 -17.66 -4.71 32.06
N HIS A 234 -17.86 -5.57 31.06
CA HIS A 234 -19.20 -6.01 30.68
C HIS A 234 -19.11 -7.02 29.52
N PRO A 235 -19.93 -8.08 29.57
CA PRO A 235 -19.92 -9.07 28.49
C PRO A 235 -20.46 -8.51 27.16
N ILE A 236 -21.20 -7.41 27.21
CA ILE A 236 -21.72 -6.80 25.98
C ILE A 236 -20.57 -6.32 25.10
N VAL A 237 -19.46 -5.92 25.71
CA VAL A 237 -18.32 -5.39 24.96
C VAL A 237 -17.66 -6.50 24.13
N GLU A 238 -17.52 -7.67 24.71
CA GLU A 238 -16.98 -8.82 23.99
C GLU A 238 -17.78 -9.07 22.71
N LYS A 239 -19.10 -9.08 22.86
CA LYS A 239 -20.00 -9.37 21.76
C LYS A 239 -19.94 -8.28 20.70
N ILE A 240 -19.85 -7.03 21.15
CA ILE A 240 -19.71 -5.92 20.22
C ILE A 240 -18.43 -6.06 19.38
N LEU A 241 -17.32 -6.41 20.02
CA LEU A 241 -16.07 -6.56 19.26
C LEU A 241 -16.16 -7.70 18.23
N GLN A 242 -16.80 -8.80 18.61
CA GLN A 242 -16.99 -9.91 17.67
C GLN A 242 -17.87 -9.46 16.51
N TYR A 243 -18.93 -8.73 16.83
CA TYR A 243 -19.86 -8.22 15.83
C TYR A 243 -19.13 -7.31 14.85
N ARG A 244 -18.25 -6.46 15.36
CA ARG A 244 -17.54 -5.51 14.52
C ARG A 244 -16.58 -6.21 13.59
N GLU A 245 -15.96 -7.29 14.06
CA GLU A 245 -15.02 -8.02 13.22
C GLU A 245 -15.77 -8.55 12.00
N LEU A 246 -16.91 -9.18 12.24
CA LEU A 246 -17.71 -9.77 11.15
C LEU A 246 -18.33 -8.74 10.21
N THR A 247 -18.87 -7.65 10.73
CA THR A 247 -19.53 -6.68 9.86
C THR A 247 -18.49 -6.00 8.98
N LYS A 248 -17.29 -5.81 9.52
CA LYS A 248 -16.17 -5.25 8.75
C LYS A 248 -15.87 -6.16 7.55
N LEU A 249 -15.70 -7.44 7.80
CA LEU A 249 -15.41 -8.40 6.73
C LEU A 249 -16.54 -8.38 5.70
N LYS A 250 -17.77 -8.35 6.17
CA LYS A 250 -18.91 -8.49 5.28
C LYS A 250 -19.11 -7.25 4.43
N SER A 251 -19.14 -6.08 5.07
CA SER A 251 -19.44 -4.84 4.37
C SER A 251 -18.32 -4.39 3.43
N THR A 252 -17.08 -4.75 3.77
CA THR A 252 -15.94 -4.24 3.01
C THR A 252 -15.43 -5.24 1.97
N TYR A 253 -15.54 -6.52 2.24
CA TYR A 253 -14.98 -7.51 1.29
C TYR A 253 -15.98 -8.50 0.74
N ILE A 254 -16.66 -9.23 1.62
CA ILE A 254 -17.53 -10.33 1.18
C ILE A 254 -18.63 -9.85 0.23
N ASP A 255 -19.28 -8.73 0.57
CA ASP A 255 -20.41 -8.21 -0.22
C ASP A 255 -19.98 -7.46 -1.50
N PRO A 256 -19.04 -6.52 -1.38
CA PRO A 256 -18.74 -5.69 -2.57
C PRO A 256 -17.94 -6.38 -3.67
N LEU A 257 -17.00 -7.26 -3.32
CA LEU A 257 -16.06 -7.78 -4.31
C LEU A 257 -16.70 -8.58 -5.45
N PRO A 258 -17.64 -9.48 -5.12
CA PRO A 258 -18.25 -10.29 -6.20
C PRO A 258 -18.97 -9.46 -7.27
N ASP A 259 -19.38 -8.25 -6.92
CA ASP A 259 -20.10 -7.40 -7.87
C ASP A 259 -19.15 -6.60 -8.78
N LEU A 260 -17.85 -6.75 -8.57
CA LEU A 260 -16.87 -6.00 -9.37
C LEU A 260 -16.16 -6.85 -10.42
N ILE A 261 -16.70 -8.03 -10.72
CA ILE A 261 -16.08 -8.88 -11.74
C ILE A 261 -16.34 -8.29 -13.13
N HIS A 262 -15.31 -8.18 -13.94
CA HIS A 262 -15.43 -7.54 -15.25
C HIS A 262 -16.04 -8.52 -16.26
N PRO A 263 -16.96 -8.03 -17.11
CA PRO A 263 -17.67 -8.89 -18.07
C PRO A 263 -16.79 -9.52 -19.14
N ARG A 264 -15.73 -8.84 -19.56
CA ARG A 264 -14.89 -9.36 -20.64
C ARG A 264 -13.86 -10.33 -20.10
N THR A 265 -13.16 -9.93 -19.05
CA THR A 265 -12.04 -10.71 -18.54
C THR A 265 -12.50 -11.78 -17.55
N GLY A 266 -13.66 -11.57 -16.95
CA GLY A 266 -14.14 -12.44 -15.90
C GLY A 266 -13.28 -12.38 -14.63
N ARG A 267 -12.54 -11.29 -14.47
CA ARG A 267 -11.65 -11.12 -13.33
C ARG A 267 -11.87 -9.78 -12.61
N LEU A 268 -11.21 -9.63 -11.47
CA LEU A 268 -11.30 -8.43 -10.64
C LEU A 268 -10.10 -7.53 -10.93
N HIS A 269 -10.34 -6.24 -11.19
CA HIS A 269 -9.23 -5.34 -11.57
C HIS A 269 -9.07 -4.15 -10.63
N THR A 270 -7.99 -4.14 -9.87
CA THR A 270 -7.67 -3.00 -9.01
C THR A 270 -6.90 -1.96 -9.81
N ARG A 271 -6.64 -0.82 -9.18
CA ARG A 271 -5.78 0.21 -9.73
C ARG A 271 -4.60 0.36 -8.80
N PHE A 272 -3.38 0.38 -9.35
CA PHE A 272 -2.18 0.63 -8.56
C PHE A 272 -1.77 2.07 -8.80
N ASN A 273 -2.10 2.93 -7.84
CA ASN A 273 -1.84 4.34 -7.94
C ASN A 273 -0.36 4.63 -7.65
N GLN A 274 0.30 5.29 -8.59
CA GLN A 274 1.74 5.44 -8.54
C GLN A 274 2.20 6.78 -7.96
N THR A 275 1.29 7.75 -7.79
CA THR A 275 1.68 9.03 -7.21
C THR A 275 0.72 9.43 -6.10
N ALA A 276 0.52 8.51 -5.16
CA ALA A 276 -0.53 8.65 -4.17
C ALA A 276 -0.06 8.75 -2.72
N THR A 277 1.21 8.44 -2.44
CA THR A 277 1.69 8.45 -1.05
C THR A 277 2.88 9.37 -0.81
N ALA A 278 3.03 9.80 0.46
CA ALA A 278 4.08 10.74 0.85
C ALA A 278 5.44 10.07 0.90
N THR A 279 5.47 8.74 0.87
CA THR A 279 6.71 8.01 1.15
C THR A 279 7.26 7.27 -0.06
N GLY A 280 6.48 7.18 -1.14
CA GLY A 280 6.93 6.44 -2.32
C GLY A 280 6.31 5.04 -2.47
N ARG A 281 5.53 4.63 -1.48
CA ARG A 281 4.73 3.42 -1.63
C ARG A 281 3.70 3.58 -2.75
N LEU A 282 3.29 2.45 -3.32
CA LEU A 282 2.13 2.41 -4.19
C LEU A 282 0.89 2.49 -3.29
N SER A 283 -0.27 2.78 -3.89
CA SER A 283 -1.53 2.47 -3.23
C SER A 283 -2.41 1.74 -4.22
N SER A 284 -3.53 1.21 -3.72
CA SER A 284 -4.39 0.39 -4.53
C SER A 284 -5.83 0.83 -4.26
N SER A 285 -6.64 0.96 -5.30
CA SER A 285 -8.03 1.37 -5.12
C SER A 285 -8.97 0.80 -6.19
N ASP A 286 -10.25 0.87 -5.88
CA ASP A 286 -11.32 0.58 -6.85
C ASP A 286 -11.29 -0.84 -7.40
N PRO A 287 -11.24 -1.85 -6.53
CA PRO A 287 -11.18 -1.85 -5.08
C PRO A 287 -9.75 -1.89 -4.57
N ASN A 288 -9.55 -1.51 -3.31
CA ASN A 288 -8.26 -1.69 -2.65
C ASN A 288 -7.99 -3.19 -2.46
N LEU A 289 -6.96 -3.73 -3.12
CA LEU A 289 -6.58 -5.13 -2.88
C LEU A 289 -5.31 -5.22 -2.06
N GLN A 290 -4.93 -4.11 -1.43
CA GLN A 290 -3.77 -4.14 -0.53
C GLN A 290 -4.16 -4.22 0.95
N ASN A 291 -5.46 -4.40 1.23
CA ASN A 291 -5.85 -4.62 2.62
C ASN A 291 -6.81 -5.79 2.75
N ILE A 292 -6.59 -6.84 1.96
CA ILE A 292 -7.38 -8.05 2.10
C ILE A 292 -7.01 -8.71 3.43
N PRO A 293 -8.02 -9.08 4.23
CA PRO A 293 -7.76 -9.61 5.56
C PRO A 293 -6.89 -10.86 5.52
N VAL A 294 -6.05 -10.99 6.55
CA VAL A 294 -5.13 -12.13 6.65
C VAL A 294 -4.72 -12.44 8.09
N ARG A 295 -4.93 -11.52 9.02
CA ARG A 295 -4.33 -11.67 10.35
C ARG A 295 -5.10 -12.56 11.31
N THR A 296 -6.39 -12.76 11.09
CA THR A 296 -7.16 -13.64 11.97
C THR A 296 -7.76 -14.79 11.18
N PRO A 297 -8.05 -15.91 11.86
CA PRO A 297 -8.66 -17.05 11.19
C PRO A 297 -9.94 -16.67 10.43
N LEU A 298 -10.77 -15.85 11.06
CA LEU A 298 -12.00 -15.39 10.41
C LEU A 298 -11.65 -14.57 9.18
N GLY A 299 -10.64 -13.71 9.31
CA GLY A 299 -10.25 -12.82 8.23
C GLY A 299 -9.61 -13.55 7.07
N GLN A 300 -8.79 -14.55 7.39
CA GLN A 300 -8.09 -15.34 6.38
C GLN A 300 -9.01 -15.98 5.35
N ARG A 301 -10.22 -16.30 5.76
CA ARG A 301 -11.16 -16.97 4.87
C ARG A 301 -11.39 -16.15 3.61
N ILE A 302 -11.25 -14.83 3.70
CA ILE A 302 -11.43 -13.97 2.53
C ILE A 302 -10.36 -14.27 1.47
N ARG A 303 -9.15 -14.57 1.92
CA ARG A 303 -8.02 -14.82 1.01
C ARG A 303 -8.23 -16.06 0.16
N ARG A 304 -9.00 -17.01 0.70
CA ARG A 304 -9.29 -18.22 -0.06
C ARG A 304 -10.06 -17.88 -1.33
N ALA A 305 -10.68 -16.70 -1.36
CA ALA A 305 -11.51 -16.32 -2.49
C ALA A 305 -10.67 -15.89 -3.70
N PHE A 306 -9.41 -15.56 -3.47
CA PHE A 306 -8.53 -15.14 -4.57
C PHE A 306 -7.83 -16.37 -5.15
N ILE A 307 -8.20 -16.73 -6.38
CA ILE A 307 -7.75 -17.99 -6.99
C ILE A 307 -6.99 -17.82 -8.31
N ALA A 308 -6.32 -18.88 -8.74
CA ALA A 308 -5.60 -18.91 -10.01
C ALA A 308 -6.52 -19.34 -11.15
N GLU A 309 -6.21 -18.87 -12.36
CA GLU A 309 -6.92 -19.32 -13.56
C GLU A 309 -6.80 -20.83 -13.61
N GLU A 310 -7.79 -21.50 -14.21
CA GLU A 310 -7.71 -22.95 -14.43
C GLU A 310 -6.39 -23.30 -15.11
N GLY A 311 -5.66 -24.24 -14.52
CA GLY A 311 -4.41 -24.71 -15.08
C GLY A 311 -3.21 -23.89 -14.66
N TRP A 312 -3.44 -22.89 -13.80
CA TRP A 312 -2.38 -22.04 -13.27
C TRP A 312 -2.32 -22.15 -11.75
N LEU A 313 -1.29 -21.55 -11.15
CA LEU A 313 -1.17 -21.48 -9.70
C LEU A 313 -0.75 -20.07 -9.31
N LEU A 314 -1.08 -19.69 -8.08
CA LEU A 314 -0.60 -18.42 -7.54
C LEU A 314 0.75 -18.67 -6.86
N VAL A 315 1.68 -17.75 -7.02
CA VAL A 315 2.95 -17.77 -6.32
C VAL A 315 3.01 -16.51 -5.48
N ALA A 316 3.10 -16.67 -4.17
CA ALA A 316 3.09 -15.54 -3.25
C ALA A 316 4.48 -15.42 -2.63
N LEU A 317 5.07 -14.23 -2.73
CA LEU A 317 6.43 -14.01 -2.26
C LEU A 317 6.45 -12.79 -1.35
N ASP A 318 7.02 -12.91 -0.16
N ASP A 318 7.07 -12.94 -0.17
CA ASP A 318 7.07 -11.75 0.70
CA ASP A 318 7.07 -11.88 0.82
C ASP A 318 8.41 -11.61 1.39
C ASP A 318 8.47 -11.63 1.37
N TYR A 319 8.87 -10.37 1.48
CA TYR A 319 10.13 -10.03 2.11
C TYR A 319 9.96 -10.13 3.62
N SER A 320 10.73 -11.00 4.26
CA SER A 320 10.69 -11.18 5.72
C SER A 320 11.21 -9.95 6.47
N GLN A 321 10.40 -9.47 7.41
CA GLN A 321 10.75 -8.30 8.23
C GLN A 321 11.41 -7.19 7.42
N LYS A 322 10.80 -6.85 6.28
CA LYS A 322 11.44 -5.98 5.30
C LYS A 322 11.89 -4.64 5.90
N GLU A 323 10.99 -3.92 6.55
CA GLU A 323 11.34 -2.57 7.02
C GLU A 323 12.36 -2.58 8.15
N LEU A 324 12.43 -3.66 8.92
CA LEU A 324 13.42 -3.75 9.98
C LEU A 324 14.81 -4.05 9.38
N ARG A 325 14.85 -4.82 8.30
CA ARG A 325 16.12 -5.05 7.58
C ARG A 325 16.62 -3.74 6.97
N VAL A 326 15.69 -2.95 6.42
CA VAL A 326 16.04 -1.64 5.88
C VAL A 326 16.57 -0.75 7.01
N LEU A 327 15.89 -0.75 8.15
CA LEU A 327 16.35 0.05 9.30
C LEU A 327 17.76 -0.38 9.70
N ALA A 328 18.03 -1.68 9.69
CA ALA A 328 19.37 -2.17 10.03
C ALA A 328 20.40 -1.58 9.08
N HIS A 329 20.10 -1.61 7.78
CA HIS A 329 21.02 -1.05 6.80
C HIS A 329 21.21 0.46 6.96
N LEU A 330 20.11 1.20 7.08
CA LEU A 330 20.20 2.66 7.18
C LEU A 330 20.94 3.09 8.45
N SER A 331 20.63 2.45 9.57
CA SER A 331 21.17 2.86 10.87
C SER A 331 22.58 2.35 11.13
N GLY A 332 22.92 1.21 10.52
CA GLY A 332 24.21 0.59 10.78
C GLY A 332 24.35 -0.02 12.16
N ASP A 333 23.24 -0.24 12.85
CA ASP A 333 23.32 -0.82 14.20
C ASP A 333 23.94 -2.22 14.15
N GLU A 334 25.01 -2.43 14.91
CA GLU A 334 25.73 -3.71 14.83
C GLU A 334 24.87 -4.88 15.31
N ASN A 335 24.07 -4.68 16.34
CA ASN A 335 23.26 -5.76 16.88
C ASN A 335 22.14 -6.15 15.92
N LEU A 336 21.48 -5.17 15.32
CA LEU A 336 20.46 -5.44 14.32
C LEU A 336 21.05 -6.19 13.14
N ILE A 337 22.18 -5.69 12.64
CA ILE A 337 22.82 -6.27 11.47
C ILE A 337 23.25 -7.71 11.77
N ARG A 338 23.80 -7.92 12.96
CA ARG A 338 24.29 -9.24 13.36
C ARG A 338 23.15 -10.25 13.38
N VAL A 339 22.00 -9.86 13.93
CA VAL A 339 20.85 -10.76 13.99
C VAL A 339 20.48 -11.26 12.59
N PHE A 340 20.42 -10.34 11.63
CA PHE A 340 20.01 -10.72 10.27
C PHE A 340 21.12 -11.48 9.55
N GLN A 341 22.37 -11.14 9.84
CA GLN A 341 23.51 -11.79 9.22
C GLN A 341 23.61 -13.24 9.67
N GLU A 342 23.27 -13.49 10.93
CA GLU A 342 23.36 -14.82 11.52
C GLU A 342 22.14 -15.66 11.18
N GLY A 343 21.22 -15.08 10.41
CA GLY A 343 20.04 -15.78 9.96
C GLY A 343 19.03 -16.03 11.07
N ARG A 344 19.17 -15.31 12.17
CA ARG A 344 18.26 -15.47 13.31
C ARG A 344 16.98 -14.64 13.14
N ASP A 345 15.96 -15.00 13.90
CA ASP A 345 14.66 -14.34 13.82
C ASP A 345 14.65 -13.07 14.66
N ILE A 346 14.55 -11.92 14.01
CA ILE A 346 14.71 -10.64 14.69
C ILE A 346 13.69 -10.46 15.81
N HIS A 347 12.46 -10.90 15.60
CA HIS A 347 11.42 -10.69 16.59
C HIS A 347 11.64 -11.60 17.79
N THR A 348 12.23 -12.76 17.55
CA THR A 348 12.55 -13.69 18.62
C THR A 348 13.76 -13.25 19.41
N GLU A 349 14.76 -12.69 18.72
CA GLU A 349 15.95 -12.17 19.39
C GLU A 349 15.58 -10.95 20.21
N THR A 350 14.60 -10.19 19.72
CA THR A 350 14.17 -8.99 20.41
C THR A 350 13.38 -9.38 21.66
N ALA A 351 12.52 -10.39 21.54
CA ALA A 351 11.74 -10.87 22.67
C ALA A 351 12.65 -11.43 23.75
N SER A 352 13.69 -12.14 23.36
CA SER A 352 14.59 -12.75 24.33
C SER A 352 15.25 -11.67 25.17
N TRP A 353 15.52 -10.51 24.55
CA TRP A 353 16.16 -9.41 25.26
C TRP A 353 15.13 -8.59 26.06
N MET A 354 13.95 -8.40 25.47
CA MET A 354 12.89 -7.63 26.13
C MET A 354 12.33 -8.39 27.34
N PHE A 355 12.45 -9.71 27.34
CA PHE A 355 11.93 -10.52 28.43
C PHE A 355 13.07 -11.19 29.19
N GLY A 356 12.81 -12.37 29.76
CA GLY A 356 13.80 -13.06 30.56
C GLY A 356 14.71 -13.98 29.78
N VAL A 357 14.60 -13.98 28.45
CA VAL A 357 15.43 -14.84 27.62
C VAL A 357 15.20 -16.29 28.04
N PRO A 358 15.96 -17.24 27.47
CA PRO A 358 16.86 -17.12 26.32
C PRO A 358 16.13 -17.41 25.02
N ARG A 359 16.86 -17.42 23.92
CA ARG A 359 16.29 -17.69 22.60
C ARG A 359 15.19 -18.75 22.64
N GLU A 360 15.52 -19.93 23.17
CA GLU A 360 14.59 -21.06 23.14
C GLU A 360 13.35 -20.86 24.00
N ALA A 361 13.46 -20.03 25.05
CA ALA A 361 12.37 -19.84 25.99
C ALA A 361 11.31 -18.85 25.51
N VAL A 362 11.54 -18.23 24.36
CA VAL A 362 10.59 -17.27 23.82
C VAL A 362 9.37 -17.97 23.23
N ASP A 363 8.22 -17.79 23.88
CA ASP A 363 6.97 -18.37 23.41
C ASP A 363 6.31 -17.47 22.37
N PRO A 364 5.23 -17.97 21.73
CA PRO A 364 4.48 -17.22 20.71
C PRO A 364 3.93 -15.89 21.18
N LEU A 365 3.61 -15.78 22.47
CA LEU A 365 3.08 -14.55 23.03
C LEU A 365 4.17 -13.49 23.09
N MET A 366 5.33 -13.89 23.57
CA MET A 366 6.47 -12.97 23.68
C MET A 366 6.91 -12.48 22.30
N ARG A 367 6.92 -13.37 21.31
CA ARG A 367 7.33 -12.98 19.98
C ARG A 367 6.38 -11.93 19.45
N ARG A 368 5.08 -12.14 19.65
CA ARG A 368 4.07 -11.19 19.22
C ARG A 368 4.26 -9.83 19.90
N ALA A 369 4.70 -9.85 21.16
CA ALA A 369 4.95 -8.61 21.90
C ALA A 369 6.18 -7.88 21.34
N ALA A 370 7.21 -8.65 20.96
CA ALA A 370 8.42 -8.08 20.38
C ALA A 370 8.10 -7.42 19.05
N LYS A 371 7.28 -8.08 18.23
CA LYS A 371 6.82 -7.48 16.98
C LYS A 371 6.20 -6.12 17.23
N THR A 372 5.36 -6.05 18.25
CA THR A 372 4.64 -4.82 18.55
C THR A 372 5.63 -3.73 18.93
N ILE A 373 6.61 -4.08 19.75
CA ILE A 373 7.67 -3.15 20.15
C ILE A 373 8.47 -2.69 18.93
N ASN A 374 8.95 -3.65 18.14
CA ASN A 374 9.72 -3.35 16.94
C ASN A 374 9.01 -2.40 15.98
N PHE A 375 7.75 -2.69 15.66
CA PHE A 375 6.97 -1.82 14.78
C PHE A 375 6.77 -0.45 15.42
N GLY A 376 6.53 -0.45 16.72
CA GLY A 376 6.40 0.79 17.45
C GLY A 376 7.58 1.70 17.15
N VAL A 377 8.78 1.14 17.19
CA VAL A 377 10.00 1.91 16.95
C VAL A 377 9.97 2.56 15.57
N LEU A 378 9.64 1.77 14.56
CA LEU A 378 9.48 2.25 13.18
C LEU A 378 8.51 3.43 13.05
N TYR A 379 7.42 3.39 13.81
CA TYR A 379 6.34 4.36 13.69
C TYR A 379 6.45 5.49 14.72
N GLY A 380 7.41 5.36 15.62
CA GLY A 380 7.60 6.31 16.70
C GLY A 380 6.41 6.34 17.64
N MET A 381 5.83 5.17 17.89
CA MET A 381 4.62 5.11 18.69
C MET A 381 4.92 5.39 20.17
N SER A 382 3.95 5.98 20.86
CA SER A 382 4.14 6.42 22.24
C SER A 382 4.03 5.25 23.21
N ALA A 383 4.59 5.42 24.41
CA ALA A 383 4.47 4.39 25.44
C ALA A 383 3.02 4.15 25.83
N HIS A 384 2.18 5.17 25.65
CA HIS A 384 0.74 5.02 25.93
C HIS A 384 0.09 4.06 24.95
N ARG A 385 0.33 4.29 23.66
CA ARG A 385 -0.21 3.44 22.61
C ARG A 385 0.32 2.01 22.75
N LEU A 386 1.60 1.89 23.08
CA LEU A 386 2.23 0.59 23.24
C LEU A 386 1.67 -0.14 24.45
N SER A 387 1.33 0.59 25.50
CA SER A 387 0.77 -0.02 26.71
C SER A 387 -0.62 -0.55 26.40
N GLN A 388 -1.31 0.12 25.49
CA GLN A 388 -2.62 -0.34 25.04
C GLN A 388 -2.50 -1.63 24.24
N GLU A 389 -1.63 -1.62 23.24
CA GLU A 389 -1.46 -2.77 22.34
C GLU A 389 -1.03 -4.02 23.11
N LEU A 390 -0.09 -3.83 24.03
CA LEU A 390 0.48 -4.93 24.79
C LEU A 390 -0.40 -5.24 26.02
N ALA A 391 -1.35 -4.36 26.31
CA ALA A 391 -2.18 -4.49 27.48
C ALA A 391 -1.33 -4.65 28.74
N ILE A 392 -0.32 -3.80 28.87
CA ILE A 392 0.53 -3.77 30.07
C ILE A 392 0.51 -2.35 30.66
N PRO A 393 1.01 -2.20 31.89
CA PRO A 393 1.05 -0.86 32.48
C PRO A 393 1.92 0.11 31.68
N TYR A 394 1.53 1.38 31.72
CA TYR A 394 2.26 2.44 31.03
C TYR A 394 3.77 2.40 31.31
N GLU A 395 4.16 2.21 32.55
CA GLU A 395 5.58 2.29 32.90
C GLU A 395 6.34 1.08 32.36
N GLU A 396 5.64 -0.03 32.19
CA GLU A 396 6.25 -1.22 31.62
C GLU A 396 6.52 -1.01 30.13
N ALA A 397 5.63 -0.31 29.44
CA ALA A 397 5.85 0.00 28.02
C ALA A 397 6.99 0.98 27.85
N GLN A 398 7.07 1.95 28.77
CA GLN A 398 8.19 2.88 28.82
C GLN A 398 9.49 2.12 28.95
N ALA A 399 9.49 1.13 29.83
CA ALA A 399 10.69 0.35 30.13
C ALA A 399 11.13 -0.43 28.90
N PHE A 400 10.17 -0.99 28.19
CA PHE A 400 10.47 -1.73 26.96
C PHE A 400 11.11 -0.84 25.89
N ILE A 401 10.59 0.38 25.74
CA ILE A 401 11.11 1.28 24.72
C ILE A 401 12.55 1.66 25.05
N GLU A 402 12.82 1.91 26.32
CA GLU A 402 14.18 2.24 26.74
C GLU A 402 15.12 1.05 26.55
N ARG A 403 14.65 -0.15 26.89
CA ARG A 403 15.46 -1.36 26.74
C ARG A 403 15.78 -1.61 25.26
N TYR A 404 14.86 -1.20 24.38
CA TYR A 404 15.06 -1.36 22.95
C TYR A 404 16.28 -0.58 22.49
N PHE A 405 16.34 0.70 22.87
CA PHE A 405 17.43 1.56 22.45
C PHE A 405 18.75 1.20 23.15
N GLN A 406 18.67 0.45 24.24
CA GLN A 406 19.88 -0.08 24.86
C GLN A 406 20.45 -1.21 24.00
N SER A 407 19.57 -2.05 23.45
CA SER A 407 19.98 -3.18 22.63
C SER A 407 20.38 -2.76 21.22
N PHE A 408 19.76 -1.69 20.73
CA PHE A 408 20.04 -1.18 19.39
C PHE A 408 20.33 0.33 19.44
N PRO A 409 21.46 0.70 20.05
CA PRO A 409 21.78 2.12 20.29
C PRO A 409 21.93 2.96 19.01
N LYS A 410 22.43 2.37 17.93
CA LYS A 410 22.61 3.17 16.73
C LYS A 410 21.29 3.52 16.05
N VAL A 411 20.21 2.82 16.39
CA VAL A 411 18.89 3.21 15.88
C VAL A 411 18.56 4.61 16.41
N ARG A 412 18.77 4.83 17.69
CA ARG A 412 18.53 6.14 18.28
C ARG A 412 19.40 7.20 17.62
N ALA A 413 20.67 6.88 17.41
CA ALA A 413 21.59 7.83 16.79
C ALA A 413 21.15 8.16 15.38
N TRP A 414 20.66 7.15 14.66
CA TRP A 414 20.21 7.33 13.28
C TRP A 414 18.98 8.22 13.23
N ILE A 415 18.06 8.02 14.18
CA ILE A 415 16.88 8.87 14.21
C ILE A 415 17.31 10.33 14.40
N GLU A 416 18.22 10.56 15.33
CA GLU A 416 18.70 11.90 15.61
C GLU A 416 19.40 12.51 14.40
N LYS A 417 20.22 11.72 13.72
CA LYS A 417 20.94 12.24 12.57
C LYS A 417 19.95 12.63 11.48
N THR A 418 18.91 11.81 11.34
CA THR A 418 17.92 12.00 10.30
C THR A 418 17.11 13.27 10.56
N LEU A 419 16.75 13.48 11.83
CA LEU A 419 16.01 14.69 12.20
C LEU A 419 16.91 15.93 12.13
N GLU A 420 18.17 15.79 12.53
CA GLU A 420 19.10 16.92 12.50
C GLU A 420 19.20 17.43 11.06
N GLU A 421 19.48 16.53 10.12
CA GLU A 421 19.62 16.92 8.72
C GLU A 421 18.28 17.41 8.14
N GLY A 422 17.18 16.80 8.58
CA GLY A 422 15.85 17.18 8.10
C GLY A 422 15.50 18.61 8.50
N ARG A 423 15.86 18.99 9.72
CA ARG A 423 15.67 20.37 10.17
C ARG A 423 16.45 21.35 9.29
N ARG A 424 17.66 20.95 8.91
CA ARG A 424 18.55 21.82 8.15
C ARG A 424 18.08 21.98 6.69
N ARG A 425 17.70 20.87 6.08
CA ARG A 425 17.41 20.84 4.64
C ARG A 425 15.93 20.97 4.29
N GLY A 426 15.07 20.71 5.26
CA GLY A 426 13.63 20.80 5.07
C GLY A 426 13.04 19.53 4.45
N TYR A 427 13.88 18.51 4.25
CA TYR A 427 13.38 17.25 3.74
C TYR A 427 14.22 16.07 4.21
N VAL A 428 13.67 14.87 4.09
CA VAL A 428 14.40 13.65 4.40
C VAL A 428 14.39 12.80 3.14
N GLU A 429 15.19 11.74 3.11
CA GLU A 429 15.31 10.97 1.87
C GLU A 429 15.61 9.50 2.09
N THR A 430 15.23 8.70 1.10
CA THR A 430 15.48 7.28 1.13
C THR A 430 16.92 7.00 0.69
N LEU A 431 17.30 5.73 0.75
CA LEU A 431 18.63 5.31 0.34
C LEU A 431 18.95 5.75 -1.09
N PHE A 432 17.94 5.77 -1.96
CA PHE A 432 18.12 6.11 -3.38
C PHE A 432 17.87 7.59 -3.67
N GLY A 433 17.46 8.33 -2.64
CA GLY A 433 17.35 9.77 -2.77
C GLY A 433 15.96 10.31 -3.04
N ARG A 434 14.94 9.45 -2.91
CA ARG A 434 13.56 9.92 -2.95
C ARG A 434 13.35 10.81 -1.74
N ARG A 435 12.74 11.96 -1.96
CA ARG A 435 12.62 12.99 -0.93
C ARG A 435 11.19 13.16 -0.45
N ARG A 436 11.04 13.45 0.84
CA ARG A 436 9.77 13.96 1.36
C ARG A 436 10.05 15.25 2.12
N TYR A 437 9.35 16.32 1.75
CA TYR A 437 9.48 17.60 2.45
C TYR A 437 8.61 17.54 3.67
N VAL A 438 9.22 17.73 4.84
CA VAL A 438 8.48 17.67 6.10
C VAL A 438 8.63 18.99 6.83
N PRO A 439 7.55 19.80 6.81
CA PRO A 439 7.54 21.06 7.53
C PRO A 439 7.30 20.80 9.02
N ASP A 440 7.50 21.83 9.83
CA ASP A 440 7.17 21.76 11.25
C ASP A 440 8.20 21.02 12.09
N LEU A 441 9.35 20.66 11.52
CA LEU A 441 10.38 19.99 12.33
C LEU A 441 10.91 20.92 13.41
N GLU A 442 10.74 22.22 13.20
CA GLU A 442 11.18 23.19 14.19
C GLU A 442 10.01 24.00 14.76
N ALA A 443 8.80 23.45 14.65
CA ALA A 443 7.61 24.11 15.20
C ALA A 443 7.79 24.37 16.69
N ARG A 444 7.14 25.41 17.21
CA ARG A 444 7.28 25.79 18.62
C ARG A 444 6.20 25.18 19.52
N VAL A 445 5.29 24.42 18.94
CA VAL A 445 4.33 23.66 19.72
C VAL A 445 4.80 22.21 19.74
N LYS A 446 5.03 21.65 20.92
CA LYS A 446 5.66 20.34 21.05
C LYS A 446 4.92 19.24 20.30
N SER A 447 3.60 19.20 20.43
CA SER A 447 2.83 18.11 19.84
C SER A 447 2.94 18.17 18.32
N VAL A 448 2.95 19.38 17.77
CA VAL A 448 3.07 19.55 16.33
C VAL A 448 4.46 19.14 15.85
N ARG A 449 5.48 19.62 16.55
CA ARG A 449 6.86 19.31 16.21
C ARG A 449 7.10 17.80 16.29
N GLU A 450 6.64 17.18 17.37
CA GLU A 450 6.89 15.75 17.56
C GLU A 450 6.13 14.87 16.56
N ALA A 451 4.94 15.29 16.13
CA ALA A 451 4.23 14.60 15.05
C ALA A 451 5.02 14.67 13.74
N ALA A 452 5.58 15.83 13.43
CA ALA A 452 6.39 15.98 12.21
C ALA A 452 7.65 15.12 12.28
N GLU A 453 8.27 15.05 13.46
CA GLU A 453 9.46 14.24 13.64
C GLU A 453 9.20 12.77 13.32
N ARG A 454 8.08 12.22 13.79
CA ARG A 454 7.77 10.81 13.57
C ARG A 454 7.52 10.54 12.09
N LYS A 455 6.88 11.47 11.40
CA LYS A 455 6.71 11.35 9.95
C LYS A 455 8.09 11.34 9.26
N ALA A 456 8.97 12.21 9.73
CA ALA A 456 10.26 12.42 9.05
C ALA A 456 11.20 11.24 9.20
N PHE A 457 11.32 10.67 10.40
CA PHE A 457 12.31 9.59 10.53
C PHE A 457 11.76 8.26 10.04
N ASN A 458 10.44 8.15 9.97
CA ASN A 458 9.87 6.93 9.38
C ASN A 458 10.05 6.88 7.86
N MET A 459 10.01 8.04 7.20
CA MET A 459 9.95 8.03 5.74
C MET A 459 11.15 7.33 5.07
N PRO A 460 12.39 7.59 5.51
CA PRO A 460 13.51 6.89 4.83
C PRO A 460 13.39 5.38 4.92
N VAL A 461 12.80 4.88 5.99
CA VAL A 461 12.62 3.43 6.12
C VAL A 461 11.49 2.93 5.22
N GLN A 462 10.30 3.51 5.36
CA GLN A 462 9.17 3.07 4.55
C GLN A 462 9.47 3.24 3.07
N GLY A 463 10.11 4.36 2.73
CA GLY A 463 10.37 4.71 1.35
C GLY A 463 11.50 3.92 0.71
N THR A 464 12.54 3.61 1.50
CA THR A 464 13.60 2.75 0.96
C THR A 464 13.02 1.38 0.67
N ALA A 465 12.18 0.88 1.57
CA ALA A 465 11.54 -0.40 1.33
C ALA A 465 10.70 -0.35 0.05
N ALA A 466 9.99 0.76 -0.16
CA ALA A 466 9.18 0.92 -1.37
C ALA A 466 10.06 0.97 -2.62
N ASP A 467 11.16 1.70 -2.54
CA ASP A 467 12.10 1.81 -3.65
C ASP A 467 12.61 0.42 -4.04
N LEU A 468 12.97 -0.39 -3.04
CA LEU A 468 13.52 -1.72 -3.32
C LEU A 468 12.47 -2.64 -3.94
N MET A 469 11.25 -2.62 -3.39
CA MET A 469 10.16 -3.41 -3.99
C MET A 469 9.89 -2.99 -5.44
N LYS A 470 9.80 -1.69 -5.69
CA LYS A 470 9.51 -1.21 -7.04
C LYS A 470 10.61 -1.67 -7.99
N LEU A 471 11.85 -1.54 -7.56
CA LEU A 471 12.97 -1.93 -8.40
C LEU A 471 12.92 -3.42 -8.66
N ALA A 472 12.51 -4.21 -7.67
CA ALA A 472 12.39 -5.65 -7.84
C ALA A 472 11.31 -6.00 -8.87
N MET A 473 10.19 -5.26 -8.87
CA MET A 473 9.13 -5.48 -9.84
C MET A 473 9.60 -5.18 -11.27
N VAL A 474 10.35 -4.09 -11.41
CA VAL A 474 10.88 -3.71 -12.71
C VAL A 474 11.83 -4.77 -13.24
N LYS A 475 12.64 -5.33 -12.37
CA LYS A 475 13.60 -6.37 -12.79
C LYS A 475 12.90 -7.69 -13.07
N LEU A 476 11.89 -8.01 -12.28
CA LEU A 476 11.24 -9.30 -12.35
C LEU A 476 10.32 -9.41 -13.57
N PHE A 477 9.64 -8.32 -13.94
CA PHE A 477 8.60 -8.42 -14.95
C PHE A 477 9.06 -9.10 -16.25
N PRO A 478 10.17 -8.62 -16.84
CA PRO A 478 10.63 -9.18 -18.12
C PRO A 478 10.96 -10.66 -18.01
N ARG A 479 11.46 -11.11 -16.85
CA ARG A 479 11.78 -12.52 -16.66
C ARG A 479 10.47 -13.32 -16.63
N LEU A 480 9.44 -12.77 -15.99
CA LEU A 480 8.16 -13.47 -15.95
C LEU A 480 7.57 -13.56 -17.34
N GLU A 481 7.67 -12.48 -18.10
CA GLU A 481 7.12 -12.50 -19.46
C GLU A 481 7.77 -13.61 -20.28
N GLU A 482 9.08 -13.78 -20.12
CA GLU A 482 9.78 -14.77 -20.94
C GLU A 482 9.42 -16.20 -20.51
N MET A 483 8.85 -16.34 -19.31
CA MET A 483 8.43 -17.65 -18.80
C MET A 483 6.90 -17.87 -18.89
N GLY A 484 6.17 -16.92 -19.45
CA GLY A 484 4.74 -17.07 -19.62
C GLY A 484 3.94 -16.90 -18.33
N ALA A 485 4.56 -16.25 -17.34
CA ALA A 485 3.90 -15.96 -16.06
C ALA A 485 3.48 -14.50 -15.97
N ARG A 486 2.67 -14.18 -14.94
CA ARG A 486 2.07 -12.85 -14.80
C ARG A 486 2.32 -12.32 -13.40
N MET A 487 2.47 -11.00 -13.28
CA MET A 487 2.48 -10.36 -11.99
C MET A 487 1.06 -9.86 -11.75
N LEU A 488 0.47 -10.17 -10.59
CA LEU A 488 -0.92 -9.80 -10.34
C LEU A 488 -1.07 -8.70 -9.30
N LEU A 489 -0.43 -8.86 -8.15
CA LEU A 489 -0.64 -7.92 -7.04
C LEU A 489 0.67 -7.59 -6.35
N GLN A 490 0.72 -6.40 -5.78
CA GLN A 490 1.80 -6.03 -4.89
C GLN A 490 1.11 -5.52 -3.61
N VAL A 491 1.60 -5.94 -2.45
CA VAL A 491 1.08 -5.46 -1.16
C VAL A 491 2.25 -4.97 -0.31
N HIS A 492 2.99 -4.02 -0.87
CA HIS A 492 4.07 -3.30 -0.18
C HIS A 492 5.33 -4.13 0.03
N ASP A 493 5.23 -5.22 0.80
CA ASP A 493 6.36 -6.11 1.03
C ASP A 493 6.17 -7.48 0.36
N GLU A 494 5.14 -7.58 -0.45
CA GLU A 494 4.69 -8.87 -0.98
C GLU A 494 4.28 -8.74 -2.46
N LEU A 495 4.54 -9.79 -3.27
CA LEU A 495 4.04 -9.85 -4.64
C LEU A 495 3.25 -11.14 -4.78
N VAL A 496 2.20 -11.11 -5.60
CA VAL A 496 1.46 -12.32 -5.98
C VAL A 496 1.57 -12.46 -7.48
N LEU A 497 2.09 -13.60 -7.92
CA LEU A 497 2.24 -13.89 -9.33
C LEU A 497 1.28 -15.01 -9.68
N GLU A 498 1.14 -15.26 -10.98
CA GLU A 498 0.32 -16.35 -11.48
C GLU A 498 1.14 -17.04 -12.55
N ALA A 499 1.27 -18.36 -12.47
CA ALA A 499 2.10 -19.12 -13.40
C ALA A 499 1.38 -20.36 -13.86
N PRO A 500 1.57 -20.76 -15.13
CA PRO A 500 1.03 -22.05 -15.52
C PRO A 500 1.58 -23.14 -14.59
N LYS A 501 0.77 -24.14 -14.26
CA LYS A 501 1.13 -25.16 -13.27
C LYS A 501 2.51 -25.77 -13.51
N GLU A 502 2.86 -26.03 -14.75
CA GLU A 502 4.09 -26.75 -15.07
C GLU A 502 5.33 -25.86 -14.90
N ARG A 503 5.12 -24.55 -14.83
N ARG A 503 5.12 -24.55 -14.83
CA ARG A 503 6.21 -23.60 -14.71
CA ARG A 503 6.20 -23.58 -14.70
C ARG A 503 6.19 -22.85 -13.38
C ARG A 503 6.33 -23.05 -13.28
N ALA A 504 5.27 -23.20 -12.49
CA ALA A 504 5.16 -22.51 -11.21
C ALA A 504 6.39 -22.67 -10.31
N GLU A 505 6.94 -23.88 -10.26
CA GLU A 505 8.10 -24.10 -9.39
C GLU A 505 9.30 -23.28 -9.87
N ALA A 506 9.53 -23.26 -11.19
CA ALA A 506 10.66 -22.53 -11.76
C ALA A 506 10.49 -21.01 -11.60
N VAL A 507 9.25 -20.55 -11.77
CA VAL A 507 8.94 -19.14 -11.59
C VAL A 507 9.17 -18.73 -10.14
N ALA A 508 8.73 -19.56 -9.20
CA ALA A 508 8.90 -19.26 -7.79
C ALA A 508 10.38 -19.18 -7.45
N ARG A 509 11.19 -20.11 -7.95
CA ARG A 509 12.61 -20.09 -7.64
C ARG A 509 13.27 -18.83 -8.18
N LEU A 510 12.95 -18.49 -9.43
CA LEU A 510 13.55 -17.31 -10.07
C LEU A 510 13.08 -16.02 -9.41
N ALA A 511 11.79 -15.92 -9.13
CA ALA A 511 11.26 -14.70 -8.52
C ALA A 511 11.90 -14.47 -7.16
N LYS A 512 12.07 -15.55 -6.39
CA LYS A 512 12.71 -15.42 -5.07
C LYS A 512 14.13 -14.85 -5.24
N GLU A 513 14.89 -15.37 -6.19
CA GLU A 513 16.27 -14.90 -6.37
C GLU A 513 16.32 -13.45 -6.85
N VAL A 514 15.43 -13.09 -7.77
CA VAL A 514 15.38 -11.69 -8.25
C VAL A 514 15.05 -10.73 -7.09
N MET A 515 14.07 -11.11 -6.28
CA MET A 515 13.67 -10.26 -5.17
C MET A 515 14.76 -10.18 -4.10
N GLU A 516 15.35 -11.30 -3.73
CA GLU A 516 16.37 -11.28 -2.68
C GLU A 516 17.60 -10.49 -3.12
N GLY A 517 17.90 -10.49 -4.41
CA GLY A 517 19.12 -9.87 -4.89
C GLY A 517 18.92 -8.50 -5.53
N VAL A 518 17.77 -7.87 -5.29
CA VAL A 518 17.43 -6.63 -5.99
C VAL A 518 18.50 -5.55 -5.81
N TYR A 519 19.03 -5.42 -4.60
CA TYR A 519 20.04 -4.41 -4.31
C TYR A 519 20.71 -4.79 -3.00
N PRO A 520 21.91 -5.38 -3.06
CA PRO A 520 22.54 -5.88 -1.84
C PRO A 520 22.71 -4.81 -0.74
N LEU A 521 22.31 -5.18 0.47
CA LEU A 521 22.41 -4.30 1.63
C LEU A 521 23.42 -4.89 2.63
N ALA A 522 23.60 -4.18 3.75
CA ALA A 522 24.46 -4.67 4.81
C ALA A 522 23.89 -5.91 5.48
N VAL A 523 22.63 -6.22 5.17
CA VAL A 523 22.01 -7.45 5.66
C VAL A 523 21.35 -8.17 4.49
N PRO A 524 21.21 -9.50 4.58
CA PRO A 524 20.53 -10.19 3.48
C PRO A 524 19.05 -9.83 3.46
N LEU A 525 18.47 -9.78 2.26
CA LEU A 525 17.02 -9.70 2.15
C LEU A 525 16.55 -11.12 1.93
N GLU A 526 15.68 -11.60 2.81
CA GLU A 526 15.15 -12.95 2.70
C GLU A 526 13.70 -12.88 2.22
N VAL A 527 13.34 -13.83 1.36
CA VAL A 527 11.99 -13.86 0.78
C VAL A 527 11.38 -15.23 1.05
N GLU A 528 10.14 -15.24 1.54
CA GLU A 528 9.43 -16.50 1.76
C GLU A 528 8.52 -16.71 0.57
N VAL A 529 8.48 -17.92 0.04
CA VAL A 529 7.68 -18.15 -1.15
C VAL A 529 6.74 -19.34 -0.94
N GLY A 530 5.53 -19.23 -1.45
CA GLY A 530 4.57 -20.31 -1.40
C GLY A 530 3.82 -20.41 -2.72
N ILE A 531 3.30 -21.59 -3.01
CA ILE A 531 2.58 -21.82 -4.26
C ILE A 531 1.27 -22.51 -3.91
N GLY A 532 0.16 -22.08 -4.52
CA GLY A 532 -1.13 -22.71 -4.26
C GLY A 532 -2.21 -22.29 -5.22
N GLU A 533 -3.36 -22.95 -5.15
CA GLU A 533 -4.46 -22.62 -6.06
C GLU A 533 -5.19 -21.38 -5.59
N ASP A 534 -4.96 -20.98 -4.34
CA ASP A 534 -5.54 -19.73 -3.86
C ASP A 534 -4.55 -18.97 -2.99
N TRP A 535 -4.88 -17.71 -2.70
CA TRP A 535 -3.94 -16.84 -2.02
C TRP A 535 -3.67 -17.33 -0.61
N LEU A 536 -4.64 -17.97 0.01
CA LEU A 536 -4.44 -18.45 1.38
C LEU A 536 -3.53 -19.67 1.37
N SER A 537 -3.85 -20.66 0.55
CA SER A 537 -3.06 -21.89 0.52
C SER A 537 -1.65 -21.62 -0.02
N ALA A 538 -1.49 -20.56 -0.81
CA ALA A 538 -0.19 -20.21 -1.38
C ALA A 538 0.76 -19.78 -0.27
N LYS A 539 0.21 -19.13 0.75
CA LYS A 539 1.01 -18.70 1.90
C LYS A 539 1.61 -19.92 2.60
N GLU A 540 2.81 -20.30 2.18
CA GLU A 540 3.47 -21.51 2.68
C GLU A 540 4.89 -21.23 3.13
P 2DA B 12 -0.43 -7.61 6.11
OP1 2DA B 12 -0.53 -7.65 7.67
OP2 2DA B 12 0.07 -8.89 5.51
O5' 2DA B 12 0.51 -6.42 5.71
C5' 2DA B 12 0.93 -6.30 4.38
C4' 2DA B 12 1.70 -5.03 4.18
O4' 2DA B 12 0.88 -3.84 4.38
C3' 2DA B 12 2.95 -4.82 5.03
C2' 2DA B 12 3.14 -3.37 4.89
C1' 2DA B 12 1.71 -2.87 5.12
N9 2DA B 12 1.13 -2.61 6.40
C8 2DA B 12 0.51 -3.59 7.24
N7 2DA B 12 0.19 -2.95 8.39
C5 2DA B 12 0.61 -1.57 8.28
C6 2DA B 12 0.56 -0.49 9.14
N6 2DA B 12 0.00 -0.60 10.44
N1 2DA B 12 1.08 0.73 8.73
C2 2DA B 12 1.66 0.88 7.46
N3 2DA B 12 1.72 -0.18 6.63
C4 2DA B 12 1.19 -1.41 7.04
MG MG D . 6.45 -11.15 7.63
NA NA E . -5.06 16.50 19.10
C1 GOL F . 21.40 3.02 -7.12
O1 GOL F . 22.27 2.38 -8.03
C2 GOL F . 21.83 4.46 -6.92
O2 GOL F . 21.84 4.77 -5.55
C3 GOL F . 20.85 5.39 -7.66
O3 GOL F . 21.35 6.70 -7.69
N1 DDS G . 0.98 -3.20 13.73
C2 DDS G . 1.70 -2.35 12.97
N3 DDS G . 2.29 -2.76 11.84
C4 DDS G . 2.18 -4.04 11.45
C5 DDS G . 1.45 -4.95 12.21
C6 DDS G . 0.85 -4.49 13.38
N6 DDS G . 0.09 -5.40 14.21
N7 DDS G . 1.51 -6.15 11.59
C8 DDS G . 2.24 -5.99 10.46
N9 DDS G . 2.65 -4.71 10.39
PA DDS G . 4.58 -9.01 9.11
PB DDS G . 7.24 -9.26 9.99
PG DDS G . 6.92 -11.86 10.76
C1' DDS G . 3.47 -4.10 9.33
O1A DDS G . 3.52 -9.76 9.87
O1B DDS G . 8.17 -8.15 10.45
O1G DDS G . 6.19 -12.35 11.98
C2' DDS G . 4.91 -4.06 9.69
O2A DDS G . 5.02 -9.78 7.90
O2B DDS G . 7.60 -9.76 8.60
O2G DDS G . 8.15 -12.71 10.59
C3' DDS G . 5.52 -5.21 9.01
O3A DDS G . 5.76 -8.70 10.12
O3B DDS G . 7.35 -10.39 11.09
O3G DDS G . 6.03 -11.90 9.55
C4' DDS G . 4.64 -5.47 7.84
O4' DDS G . 3.36 -4.79 8.11
C5' DDS G . 4.44 -6.86 7.65
O5' DDS G . 3.91 -7.62 8.70
MG MG H . -10.13 9.83 7.46
MG MG I . 1.90 -10.06 4.82
#